data_2OBS
#
_entry.id   2OBS
#
_cell.length_a   55.609
_cell.length_b   96.495
_cell.length_c   118.438
_cell.angle_alpha   90.00
_cell.angle_beta   90.00
_cell.angle_gamma   90.00
#
_symmetry.space_group_name_H-M   'C 2 2 21'
#
loop_
_entity.id
_entity.type
_entity.pdbx_description
1 polymer 'Capsid protein'
2 branched alpha-L-fucopyranose-(1-2)-[2-acetamido-2-deoxy-alpha-D-galactopyranose-(1-3)]beta-D-gulopyranose
3 water water
#
_entity_poly.entity_id   1
_entity_poly.type   'polypeptide(L)'
_entity_poly.pdbx_seq_one_letter_code
;GFLVPPTVESRTKPFTVPILTVEEMSNSRFPIPLEKLYTGPSSAFVVQPQNGRCTTDGVLLGTTQLSAVNICTFRGDVTH
IAGSHDYIMNLASQNWNNYDPTEEIPAPLGTPDFVGKIQGMLTQTTREDGSTRAHKATVSTGSVHFTPKLGSVQYTTDTN
NDLQTGQNTKFTPVGVIQDGNNHQNEPQQWVLPNYSGRTGHNVHLAPAVAPTFPGEQLLFFRSTMPGCSGYPNMNLDCLL
PQEWVQHFYQEAAPAQSDVALLRFVNPDTGRVLFECKLHKSGYVTVAHTGPHDLVIPPNGYFRFDSWVNQFYTLAPMGNG
AGRRRAL
;
_entity_poly.pdbx_strand_id   A
#
# COMPACT_ATOMS: atom_id res chain seq x y z
N THR A 12 23.60 -22.11 -2.36
CA THR A 12 23.00 -20.76 -2.55
C THR A 12 22.11 -20.36 -1.38
N LYS A 13 22.16 -19.09 -1.00
CA LYS A 13 21.37 -18.58 0.11
C LYS A 13 19.92 -19.01 -0.10
N PRO A 14 19.43 -19.92 0.75
CA PRO A 14 18.06 -20.45 0.69
C PRO A 14 16.97 -19.41 0.87
N PHE A 15 15.96 -19.47 -0.01
CA PHE A 15 14.85 -18.53 0.04
C PHE A 15 13.76 -19.05 0.98
N THR A 16 13.10 -18.12 1.66
CA THR A 16 12.00 -18.44 2.60
C THR A 16 11.00 -17.30 2.69
N VAL A 17 9.85 -17.59 3.28
CA VAL A 17 8.81 -16.60 3.49
C VAL A 17 8.58 -16.65 4.99
N PRO A 18 8.32 -15.49 5.63
CA PRO A 18 8.12 -15.49 7.08
C PRO A 18 7.03 -16.42 7.56
N ILE A 19 7.19 -16.84 8.81
CA ILE A 19 6.24 -17.74 9.46
C ILE A 19 5.28 -16.87 10.25
N LEU A 20 4.34 -16.27 9.51
CA LEU A 20 3.35 -15.41 10.12
C LEU A 20 2.00 -15.75 9.52
N THR A 21 0.97 -15.68 10.35
CA THR A 21 -0.37 -15.94 9.88
C THR A 21 -0.82 -14.67 9.16
N VAL A 22 -1.91 -14.75 8.41
CA VAL A 22 -2.40 -13.57 7.71
C VAL A 22 -2.72 -12.48 8.73
N GLU A 23 -3.35 -12.86 9.83
CA GLU A 23 -3.72 -11.90 10.86
C GLU A 23 -2.55 -11.29 11.61
N GLU A 24 -1.41 -11.96 11.61
CA GLU A 24 -0.25 -11.40 12.29
C GLU A 24 0.49 -10.38 11.42
N MET A 25 0.10 -10.28 10.14
CA MET A 25 0.76 -9.35 9.21
C MET A 25 0.02 -8.04 8.91
N SER A 26 0.74 -7.12 8.27
CA SER A 26 0.22 -5.78 7.94
C SER A 26 0.02 -5.48 6.46
N ASN A 27 -0.99 -4.67 6.15
CA ASN A 27 -1.25 -4.31 4.77
C ASN A 27 -0.10 -3.39 4.36
N SER A 28 0.41 -3.56 3.14
CA SER A 28 1.52 -2.75 2.68
C SER A 28 1.10 -1.49 1.95
N ARG A 29 -0.20 -1.24 1.87
CA ARG A 29 -0.70 -0.06 1.18
C ARG A 29 -1.42 0.94 2.09
N PHE A 30 -1.61 0.58 3.36
CA PHE A 30 -2.24 1.45 4.34
C PHE A 30 -1.78 0.85 5.68
N PRO A 31 -1.47 1.70 6.67
CA PRO A 31 -1.00 1.20 7.97
C PRO A 31 -2.06 0.57 8.86
N ILE A 32 -2.54 -0.60 8.47
CA ILE A 32 -3.52 -1.33 9.24
C ILE A 32 -3.19 -2.80 9.02
N PRO A 33 -3.66 -3.68 9.91
CA PRO A 33 -3.33 -5.09 9.70
C PRO A 33 -4.10 -5.79 8.59
N LEU A 34 -3.54 -6.90 8.10
CA LEU A 34 -4.20 -7.69 7.07
C LEU A 34 -5.37 -8.34 7.76
N GLU A 35 -6.37 -8.76 6.99
CA GLU A 35 -7.53 -9.39 7.55
C GLU A 35 -7.90 -10.72 6.90
N LYS A 36 -7.73 -10.82 5.58
CA LYS A 36 -8.12 -12.05 4.87
C LYS A 36 -7.46 -12.15 3.51
N LEU A 37 -7.69 -13.28 2.85
CA LEU A 37 -7.16 -13.55 1.52
C LEU A 37 -8.33 -13.53 0.54
N TYR A 38 -8.17 -12.78 -0.54
CA TYR A 38 -9.20 -12.65 -1.56
C TYR A 38 -8.64 -12.85 -2.96
N THR A 39 -9.39 -13.56 -3.80
CA THR A 39 -8.98 -13.76 -5.18
C THR A 39 -10.17 -13.43 -6.05
N GLY A 40 -9.88 -12.93 -7.25
CA GLY A 40 -10.95 -12.59 -8.16
C GLY A 40 -10.40 -12.08 -9.48
N PRO A 41 -11.21 -12.08 -10.54
CA PRO A 41 -10.69 -11.59 -11.82
C PRO A 41 -10.18 -10.16 -11.65
N SER A 42 -9.25 -9.77 -12.51
CA SER A 42 -8.67 -8.44 -12.41
C SER A 42 -8.43 -7.85 -13.80
N SER A 43 -9.05 -8.44 -14.81
CA SER A 43 -8.89 -7.99 -16.17
C SER A 43 -9.58 -6.64 -16.39
N ALA A 44 -10.62 -6.38 -15.63
CA ALA A 44 -11.35 -5.12 -15.73
C ALA A 44 -10.58 -3.93 -15.16
N PHE A 45 -9.53 -4.22 -14.39
CA PHE A 45 -8.72 -3.14 -13.80
C PHE A 45 -7.26 -3.18 -14.22
N VAL A 46 -6.52 -2.16 -13.78
CA VAL A 46 -5.09 -2.00 -14.02
C VAL A 46 -4.40 -2.13 -12.67
N VAL A 47 -3.95 -3.34 -12.35
CA VAL A 47 -3.32 -3.60 -11.07
C VAL A 47 -1.87 -3.13 -11.03
N GLN A 48 -1.66 -1.88 -10.62
CA GLN A 48 -0.30 -1.35 -10.59
C GLN A 48 -0.04 -0.53 -9.33
N PRO A 49 -0.23 -1.17 -8.15
CA PRO A 49 0.01 -0.47 -6.89
C PRO A 49 1.51 -0.21 -6.78
N GLN A 50 1.89 0.87 -6.09
CA GLN A 50 3.30 1.22 -5.95
C GLN A 50 3.89 0.88 -4.58
N ASN A 51 3.01 0.76 -3.58
CA ASN A 51 3.45 0.38 -2.23
C ASN A 51 3.29 -1.13 -2.14
N GLY A 52 4.14 -1.76 -1.33
CA GLY A 52 4.06 -3.21 -1.21
C GLY A 52 4.59 -3.90 -2.45
N ARG A 53 5.63 -3.33 -3.06
CA ARG A 53 6.23 -3.91 -4.25
C ARG A 53 7.71 -4.20 -3.97
N CYS A 54 8.09 -5.46 -4.14
CA CYS A 54 9.45 -5.87 -3.88
C CYS A 54 9.70 -7.23 -4.54
N THR A 55 10.91 -7.43 -5.06
CA THR A 55 11.23 -8.71 -5.68
C THR A 55 11.49 -9.72 -4.58
N THR A 56 11.32 -11.00 -4.87
CA THR A 56 11.55 -12.03 -3.87
C THR A 56 13.04 -11.98 -3.58
N ASP A 57 13.74 -11.22 -4.41
CA ASP A 57 15.18 -11.01 -4.34
C ASP A 57 15.52 -9.99 -3.26
N GLY A 58 14.53 -9.16 -2.91
CA GLY A 58 14.75 -8.14 -1.91
C GLY A 58 14.94 -6.77 -2.51
N VAL A 59 14.55 -6.60 -3.78
CA VAL A 59 14.67 -5.30 -4.44
C VAL A 59 13.36 -4.51 -4.34
N LEU A 60 13.39 -3.42 -3.58
CA LEU A 60 12.21 -2.58 -3.39
C LEU A 60 11.86 -1.85 -4.67
N LEU A 61 10.59 -1.87 -5.04
CA LEU A 61 10.14 -1.22 -6.27
C LEU A 61 9.11 -0.12 -5.97
N GLY A 62 8.85 0.72 -6.96
CA GLY A 62 7.88 1.79 -6.80
C GLY A 62 8.17 2.73 -5.65
N THR A 63 7.17 2.99 -4.81
CA THR A 63 7.32 3.87 -3.66
C THR A 63 7.44 3.07 -2.38
N THR A 64 7.76 1.79 -2.51
CA THR A 64 7.85 0.93 -1.36
C THR A 64 9.03 1.16 -0.42
N GLN A 65 8.71 1.40 0.86
CA GLN A 65 9.73 1.57 1.90
C GLN A 65 9.44 0.49 2.96
N LEU A 66 10.32 0.36 3.95
CA LEU A 66 10.21 -0.71 4.94
C LEU A 66 9.24 -0.60 6.11
N SER A 67 8.95 0.62 6.55
CA SER A 67 8.04 0.82 7.67
C SER A 67 6.56 0.69 7.33
N ALA A 68 5.83 -0.16 8.05
CA ALA A 68 4.40 -0.32 7.83
C ALA A 68 3.69 0.92 8.38
N VAL A 69 4.22 1.52 9.45
CA VAL A 69 3.59 2.70 10.04
C VAL A 69 3.79 4.01 9.26
N ASN A 70 4.73 4.03 8.32
CA ASN A 70 4.97 5.23 7.53
C ASN A 70 4.17 5.34 6.23
N ILE A 71 3.33 4.35 5.96
CA ILE A 71 2.53 4.37 4.74
C ILE A 71 1.38 5.38 4.80
N CYS A 72 1.34 6.26 3.81
CA CYS A 72 0.31 7.28 3.71
C CYS A 72 0.46 8.39 4.74
N THR A 73 1.65 8.52 5.31
CA THR A 73 1.89 9.59 6.27
C THR A 73 2.67 10.67 5.51
N PHE A 74 2.57 11.91 5.96
CA PHE A 74 3.31 12.99 5.32
C PHE A 74 3.90 13.88 6.39
N ARG A 75 5.02 14.50 6.06
CA ARG A 75 5.69 15.40 6.99
C ARG A 75 6.14 16.66 6.24
N GLY A 76 6.31 17.74 6.99
CA GLY A 76 6.74 18.99 6.39
C GLY A 76 6.19 20.16 7.17
N ASP A 77 6.10 21.33 6.54
CA ASP A 77 5.55 22.51 7.19
C ASP A 77 4.39 22.97 6.33
N VAL A 78 3.55 23.86 6.88
CA VAL A 78 2.40 24.32 6.12
C VAL A 78 2.18 25.83 6.11
N THR A 79 1.36 26.25 5.15
CA THR A 79 1.00 27.65 5.00
C THR A 79 -0.47 27.65 4.68
N HIS A 80 -1.21 28.52 5.36
CA HIS A 80 -2.65 28.62 5.18
C HIS A 80 -3.02 29.20 3.82
N ILE A 81 -4.23 28.91 3.40
CA ILE A 81 -4.76 29.43 2.15
C ILE A 81 -5.87 30.39 2.60
N ALA A 82 -5.48 31.62 2.92
CA ALA A 82 -6.43 32.64 3.36
C ALA A 82 -7.73 32.55 2.60
N GLY A 83 -8.86 32.67 3.31
CA GLY A 83 -10.16 32.61 2.68
C GLY A 83 -10.78 31.21 2.66
N SER A 84 -10.17 30.28 3.38
CA SER A 84 -10.66 28.90 3.42
C SER A 84 -10.10 28.16 4.63
N HIS A 85 -10.39 26.87 4.71
CA HIS A 85 -9.91 26.03 5.79
C HIS A 85 -8.87 25.06 5.23
N ASP A 86 -8.34 25.39 4.05
CA ASP A 86 -7.35 24.54 3.39
C ASP A 86 -5.93 24.98 3.67
N TYR A 87 -5.00 24.02 3.61
CA TYR A 87 -3.59 24.29 3.84
C TYR A 87 -2.73 23.52 2.87
N ILE A 88 -1.56 24.08 2.57
CA ILE A 88 -0.62 23.46 1.67
C ILE A 88 0.55 23.01 2.51
N MET A 89 1.00 21.78 2.31
CA MET A 89 2.16 21.29 3.05
C MET A 89 3.34 21.07 2.11
N ASN A 90 4.43 21.77 2.37
CA ASN A 90 5.64 21.59 1.57
C ASN A 90 6.27 20.38 2.25
N LEU A 91 6.31 19.26 1.54
CA LEU A 91 6.84 18.00 2.06
C LEU A 91 8.31 17.91 2.40
N ALA A 92 8.58 17.23 3.50
CA ALA A 92 9.95 16.99 3.96
C ALA A 92 10.16 15.50 3.75
N SER A 93 11.39 15.04 3.94
CA SER A 93 11.65 13.60 3.83
C SER A 93 11.13 13.05 5.16
N GLN A 94 10.87 11.76 5.23
CA GLN A 94 10.33 11.18 6.44
C GLN A 94 11.12 11.49 7.71
N ASN A 95 12.41 11.76 7.59
CA ASN A 95 13.21 12.08 8.77
C ASN A 95 13.34 13.60 8.94
N TRP A 96 12.35 14.31 8.41
CA TRP A 96 12.29 15.77 8.51
C TRP A 96 13.35 16.55 7.73
N ASN A 97 14.13 15.87 6.89
CA ASN A 97 15.16 16.56 6.08
C ASN A 97 14.51 17.08 4.80
N ASN A 98 15.29 17.77 3.98
CA ASN A 98 14.79 18.29 2.71
C ASN A 98 14.31 17.15 1.84
N TYR A 99 13.28 17.38 1.05
CA TYR A 99 12.79 16.37 0.13
C TYR A 99 13.59 16.52 -1.17
N ASP A 100 14.08 15.40 -1.71
CA ASP A 100 14.85 15.41 -2.95
C ASP A 100 14.02 14.87 -4.10
N PRO A 101 13.46 15.77 -4.93
CA PRO A 101 12.63 15.37 -6.07
C PRO A 101 13.44 14.58 -7.12
N THR A 102 14.75 14.77 -7.08
CA THR A 102 15.69 14.16 -8.01
C THR A 102 15.77 12.64 -7.96
N GLU A 103 15.36 12.05 -6.84
CA GLU A 103 15.41 10.62 -6.74
C GLU A 103 14.60 9.95 -7.83
N GLU A 104 15.09 8.81 -8.31
CA GLU A 104 14.41 8.07 -9.36
C GLU A 104 13.29 7.22 -8.78
N ILE A 105 12.33 7.91 -8.16
CA ILE A 105 11.17 7.24 -7.59
C ILE A 105 9.91 8.00 -8.01
N PRO A 106 8.78 7.29 -8.12
CA PRO A 106 7.51 7.91 -8.53
C PRO A 106 7.10 9.07 -7.64
N ALA A 107 7.41 8.93 -6.35
CA ALA A 107 7.08 9.92 -5.33
C ALA A 107 7.78 9.49 -4.05
N PRO A 108 7.68 10.32 -2.99
CA PRO A 108 8.32 9.96 -1.73
C PRO A 108 7.87 8.56 -1.35
N LEU A 109 8.76 7.77 -0.79
CA LEU A 109 8.42 6.41 -0.43
C LEU A 109 7.27 6.43 0.56
N GLY A 110 6.30 5.57 0.35
CA GLY A 110 5.16 5.54 1.25
C GLY A 110 3.98 6.39 0.79
N THR A 111 4.18 7.22 -0.22
CA THR A 111 3.07 8.06 -0.71
C THR A 111 1.89 7.16 -1.08
N PRO A 112 0.65 7.62 -0.85
CA PRO A 112 -0.50 6.79 -1.20
C PRO A 112 -0.54 6.44 -2.70
N ASP A 113 -0.88 5.19 -3.01
CA ASP A 113 -0.91 4.75 -4.40
C ASP A 113 -2.31 4.46 -4.96
N PHE A 114 -3.31 5.21 -4.52
CA PHE A 114 -4.65 5.04 -5.04
C PHE A 114 -5.36 6.39 -5.02
N VAL A 115 -6.41 6.53 -5.82
CA VAL A 115 -7.15 7.78 -5.86
C VAL A 115 -8.26 7.72 -4.83
N GLY A 116 -8.23 8.63 -3.87
CA GLY A 116 -9.24 8.64 -2.83
C GLY A 116 -9.04 9.79 -1.88
N LYS A 117 -9.97 9.95 -0.95
CA LYS A 117 -9.90 11.01 0.03
C LYS A 117 -9.51 10.42 1.38
N ILE A 118 -8.24 10.55 1.75
CA ILE A 118 -7.76 10.00 3.02
C ILE A 118 -7.94 11.01 4.16
N GLN A 119 -8.69 10.61 5.18
CA GLN A 119 -8.89 11.49 6.31
C GLN A 119 -8.00 11.09 7.47
N GLY A 120 -7.47 12.08 8.17
CA GLY A 120 -6.61 11.81 9.31
C GLY A 120 -6.47 13.07 10.13
N MET A 121 -5.33 13.25 10.76
CA MET A 121 -5.08 14.43 11.54
C MET A 121 -3.72 15.01 11.24
N LEU A 122 -3.62 16.32 11.38
CA LEU A 122 -2.37 17.04 11.21
C LEU A 122 -2.00 17.38 12.64
N THR A 123 -0.73 17.19 12.97
CA THR A 123 -0.24 17.49 14.30
C THR A 123 1.00 18.36 14.13
N GLN A 124 1.18 19.30 15.05
CA GLN A 124 2.28 20.23 14.97
C GLN A 124 2.79 20.66 16.33
N THR A 125 4.08 21.00 16.37
CA THR A 125 4.70 21.46 17.60
C THR A 125 5.47 22.72 17.28
N THR A 126 5.32 23.75 18.11
CA THR A 126 6.06 24.99 17.91
C THR A 126 7.42 24.75 18.57
N ARG A 127 8.48 24.69 17.78
CA ARG A 127 9.80 24.42 18.31
C ARG A 127 10.26 25.36 19.43
N GLU A 128 9.67 26.54 19.47
CA GLU A 128 10.05 27.53 20.48
C GLU A 128 9.67 27.16 21.91
N ASP A 129 8.41 26.82 22.14
CA ASP A 129 7.94 26.52 23.49
C ASP A 129 7.47 25.10 23.82
N GLY A 130 7.38 24.24 22.82
CA GLY A 130 6.92 22.88 23.07
C GLY A 130 5.40 22.88 22.99
N SER A 131 4.90 23.91 22.32
CA SER A 131 3.48 24.10 22.13
C SER A 131 3.03 23.17 21.01
N THR A 132 1.94 22.43 21.24
CA THR A 132 1.45 21.50 20.22
C THR A 132 -0.04 21.65 19.92
N ARG A 133 -0.46 21.13 18.77
CA ARG A 133 -1.86 21.20 18.35
C ARG A 133 -2.15 20.16 17.27
N ALA A 134 -3.43 19.82 17.11
CA ALA A 134 -3.83 18.83 16.13
C ALA A 134 -5.14 19.24 15.49
N HIS A 135 -5.35 18.85 14.24
CA HIS A 135 -6.58 19.19 13.52
C HIS A 135 -7.00 18.13 12.51
N LYS A 136 -8.31 17.88 12.45
CA LYS A 136 -8.85 16.92 11.52
C LYS A 136 -8.46 17.41 10.12
N ALA A 137 -8.07 16.49 9.25
CA ALA A 137 -7.65 16.86 7.90
C ALA A 137 -7.95 15.76 6.89
N THR A 138 -8.10 16.17 5.63
CA THR A 138 -8.38 15.25 4.55
C THR A 138 -7.52 15.60 3.33
N VAL A 139 -6.98 14.58 2.67
CA VAL A 139 -6.17 14.78 1.46
C VAL A 139 -6.87 14.03 0.35
N SER A 140 -7.14 14.72 -0.74
CA SER A 140 -7.77 14.10 -1.88
C SER A 140 -6.62 13.85 -2.85
N THR A 141 -6.27 12.59 -3.03
CA THR A 141 -5.17 12.23 -3.91
C THR A 141 -5.47 12.44 -5.38
N GLY A 142 -6.74 12.63 -5.71
CA GLY A 142 -7.12 12.84 -7.09
C GLY A 142 -7.14 14.31 -7.44
N SER A 143 -6.92 15.14 -6.42
CA SER A 143 -6.89 16.59 -6.58
C SER A 143 -5.68 17.03 -7.37
N VAL A 144 -5.86 18.02 -8.23
CA VAL A 144 -4.78 18.54 -9.04
C VAL A 144 -3.67 19.05 -8.12
N HIS A 145 -4.05 19.41 -6.91
CA HIS A 145 -3.11 19.90 -5.92
C HIS A 145 -2.38 18.77 -5.21
N PHE A 146 -2.63 17.53 -5.63
CA PHE A 146 -1.94 16.41 -5.02
C PHE A 146 -0.67 16.24 -5.81
N THR A 147 0.38 16.94 -5.40
CA THR A 147 1.66 16.89 -6.12
C THR A 147 2.84 16.47 -5.24
N PRO A 148 2.77 15.25 -4.66
CA PRO A 148 3.81 14.68 -3.80
C PRO A 148 5.20 14.69 -4.41
N LYS A 149 5.28 14.29 -5.68
CA LYS A 149 6.54 14.24 -6.40
C LYS A 149 7.20 15.60 -6.50
N LEU A 150 6.39 16.64 -6.66
CA LEU A 150 6.90 18.00 -6.73
C LEU A 150 7.19 18.50 -5.32
N GLY A 151 6.72 17.76 -4.33
CA GLY A 151 6.97 18.17 -2.95
C GLY A 151 5.87 18.93 -2.23
N SER A 152 4.63 18.89 -2.72
CA SER A 152 3.56 19.60 -2.05
C SER A 152 2.23 18.86 -2.16
N VAL A 153 1.47 18.91 -1.07
CA VAL A 153 0.17 18.27 -0.99
C VAL A 153 -0.79 19.27 -0.36
N GLN A 154 -2.08 19.11 -0.56
CA GLN A 154 -3.05 20.03 0.01
C GLN A 154 -4.12 19.31 0.82
N TYR A 155 -4.50 19.89 1.96
CA TYR A 155 -5.51 19.31 2.84
C TYR A 155 -6.72 20.22 3.09
N THR A 156 -7.91 19.62 3.18
CA THR A 156 -9.12 20.37 3.49
C THR A 156 -9.24 20.16 5.00
N THR A 157 -9.11 21.24 5.76
CA THR A 157 -9.14 21.21 7.22
C THR A 157 -10.47 21.61 7.86
N ASP A 158 -10.58 21.32 9.16
CA ASP A 158 -11.78 21.66 9.92
C ASP A 158 -11.66 23.07 10.48
N THR A 159 -10.52 23.72 10.23
CA THR A 159 -10.28 25.07 10.75
C THR A 159 -9.37 25.95 9.91
N ASN A 160 -9.00 27.06 10.54
CA ASN A 160 -8.09 28.06 10.02
C ASN A 160 -7.46 28.62 11.28
N ASN A 161 -6.69 29.69 11.17
CA ASN A 161 -6.08 30.31 12.36
C ASN A 161 -5.06 29.48 13.15
N ASP A 162 -5.45 28.30 13.61
CA ASP A 162 -4.54 27.49 14.40
C ASP A 162 -3.75 26.43 13.63
N LEU A 163 -2.58 26.87 13.18
CA LEU A 163 -1.62 26.07 12.41
C LEU A 163 -0.59 27.08 11.95
N GLN A 164 0.53 27.14 12.66
CA GLN A 164 1.62 28.05 12.38
C GLN A 164 2.45 27.59 11.18
N THR A 165 3.21 28.51 10.59
CA THR A 165 4.06 28.20 9.45
C THR A 165 5.48 27.96 9.96
N GLY A 166 6.35 27.46 9.08
CA GLY A 166 7.72 27.20 9.49
C GLY A 166 7.81 26.30 10.70
N GLN A 167 6.80 25.45 10.88
CA GLN A 167 6.78 24.53 12.01
C GLN A 167 6.48 23.11 11.55
N ASN A 168 7.32 22.16 11.94
CA ASN A 168 7.14 20.76 11.56
C ASN A 168 5.73 20.27 11.82
N THR A 169 5.09 19.78 10.78
CA THR A 169 3.72 19.31 10.83
C THR A 169 3.63 17.92 10.23
N LYS A 170 2.86 17.06 10.85
CA LYS A 170 2.70 15.70 10.35
C LYS A 170 1.26 15.35 10.07
N PHE A 171 1.06 14.47 9.09
CA PHE A 171 -0.27 14.00 8.78
C PHE A 171 -0.30 12.50 9.07
N THR A 172 -1.23 12.09 9.92
CA THR A 172 -1.38 10.69 10.27
C THR A 172 -2.68 10.21 9.66
N PRO A 173 -2.62 9.21 8.77
CA PRO A 173 -3.82 8.68 8.12
C PRO A 173 -4.66 7.84 9.06
N VAL A 174 -5.97 7.83 8.86
CA VAL A 174 -6.87 7.03 9.70
C VAL A 174 -7.75 6.17 8.80
N GLY A 175 -8.41 6.82 7.85
CA GLY A 175 -9.28 6.10 6.93
C GLY A 175 -9.68 6.90 5.69
N VAL A 176 -10.70 6.41 5.00
CA VAL A 176 -11.18 7.04 3.78
C VAL A 176 -12.65 7.49 3.85
N ILE A 177 -12.99 8.52 3.08
CA ILE A 177 -14.34 9.03 3.04
C ILE A 177 -14.92 8.84 1.64
N GLN A 178 -16.19 9.19 1.48
CA GLN A 178 -16.88 9.03 0.21
C GLN A 178 -18.03 10.02 0.14
N ASP A 179 -18.23 10.62 -1.03
CA ASP A 179 -19.29 11.61 -1.23
C ASP A 179 -20.32 11.23 -2.28
N GLY A 180 -21.48 11.85 -2.16
CA GLY A 180 -22.58 11.62 -3.11
C GLY A 180 -23.15 10.22 -3.20
N ASN A 181 -24.21 10.10 -3.98
CA ASN A 181 -24.88 8.82 -4.19
C ASN A 181 -23.92 7.90 -4.91
N ASN A 182 -24.43 6.78 -5.42
CA ASN A 182 -23.56 5.84 -6.11
C ASN A 182 -22.52 5.41 -5.08
N HIS A 183 -23.03 4.75 -4.04
CA HIS A 183 -22.22 4.26 -2.93
C HIS A 183 -21.01 3.45 -3.37
N GLN A 184 -19.98 3.48 -2.53
CA GLN A 184 -18.74 2.76 -2.78
C GLN A 184 -18.12 3.12 -4.12
N ASN A 185 -18.39 4.32 -4.61
CA ASN A 185 -17.83 4.75 -5.89
C ASN A 185 -16.36 5.11 -5.69
N GLU A 186 -16.01 5.48 -4.47
CA GLU A 186 -14.63 5.83 -4.12
C GLU A 186 -14.27 5.31 -2.73
N PRO A 187 -12.98 5.14 -2.44
CA PRO A 187 -11.85 5.42 -3.34
C PRO A 187 -11.69 4.33 -4.40
N GLN A 188 -10.72 4.51 -5.28
CA GLN A 188 -10.45 3.55 -6.34
C GLN A 188 -9.03 3.02 -6.14
N GLN A 189 -8.92 1.95 -5.37
CA GLN A 189 -7.63 1.36 -5.04
C GLN A 189 -6.76 1.02 -6.23
N TRP A 190 -7.38 0.81 -7.39
CA TRP A 190 -6.63 0.45 -8.57
C TRP A 190 -6.32 1.57 -9.54
N VAL A 191 -6.58 2.81 -9.14
CA VAL A 191 -6.25 3.94 -10.00
C VAL A 191 -5.16 4.76 -9.33
N LEU A 192 -3.99 4.82 -9.94
CA LEU A 192 -2.88 5.57 -9.38
C LEU A 192 -3.12 7.06 -9.47
N PRO A 193 -2.64 7.81 -8.47
CA PRO A 193 -2.82 9.26 -8.52
C PRO A 193 -1.68 9.79 -9.40
N ASN A 194 -1.74 11.06 -9.75
CA ASN A 194 -0.70 11.70 -10.56
C ASN A 194 0.25 12.38 -9.58
N TYR A 195 1.35 11.70 -9.25
CA TYR A 195 2.30 12.25 -8.29
C TYR A 195 2.81 13.66 -8.58
N SER A 196 2.82 14.05 -9.85
CA SER A 196 3.28 15.40 -10.21
C SER A 196 2.10 16.23 -10.67
N GLY A 197 0.89 15.70 -10.48
CA GLY A 197 -0.28 16.44 -10.88
C GLY A 197 -0.26 16.67 -12.39
N ARG A 198 -0.64 17.88 -12.80
CA ARG A 198 -0.68 18.20 -14.23
C ARG A 198 0.70 18.46 -14.81
N THR A 199 1.63 18.83 -13.94
CA THR A 199 2.99 19.14 -14.37
C THR A 199 3.65 18.03 -15.18
N GLY A 200 3.20 16.79 -15.04
CA GLY A 200 3.80 15.70 -15.79
C GLY A 200 3.34 14.31 -15.40
N HIS A 201 3.55 13.35 -16.30
CA HIS A 201 3.14 11.97 -16.07
C HIS A 201 3.93 11.30 -14.95
N ASN A 202 3.41 10.17 -14.48
CA ASN A 202 4.08 9.42 -13.42
C ASN A 202 5.32 8.83 -14.06
N VAL A 203 6.35 8.62 -13.24
CA VAL A 203 7.60 8.04 -13.70
C VAL A 203 8.11 6.99 -12.74
N HIS A 204 9.07 6.21 -13.19
CA HIS A 204 9.69 5.15 -12.38
C HIS A 204 8.71 4.25 -11.66
N LEU A 205 7.61 3.90 -12.31
CA LEU A 205 6.60 3.05 -11.70
C LEU A 205 6.95 1.56 -11.65
N ALA A 206 6.47 0.88 -10.61
CA ALA A 206 6.65 -0.56 -10.52
C ALA A 206 5.72 -0.99 -11.66
N PRO A 207 6.09 -2.04 -12.41
CA PRO A 207 5.20 -2.44 -13.50
C PRO A 207 3.81 -2.85 -13.06
N ALA A 208 2.91 -2.95 -14.04
CA ALA A 208 1.55 -3.37 -13.76
C ALA A 208 1.59 -4.89 -13.64
N VAL A 209 0.64 -5.45 -12.89
CA VAL A 209 0.60 -6.86 -12.66
C VAL A 209 -0.67 -7.54 -13.19
N ALA A 210 -0.51 -8.75 -13.73
CA ALA A 210 -1.63 -9.51 -14.27
C ALA A 210 -1.28 -10.99 -14.36
N PRO A 211 -2.23 -11.87 -14.00
CA PRO A 211 -1.96 -13.32 -14.08
C PRO A 211 -1.90 -13.76 -15.54
N THR A 212 -0.75 -14.27 -15.96
CA THR A 212 -0.56 -14.69 -17.34
C THR A 212 -0.94 -16.14 -17.60
N PHE A 213 -0.58 -17.01 -16.69
CA PHE A 213 -0.86 -18.44 -16.80
C PHE A 213 -2.37 -18.71 -16.81
N PRO A 214 -2.86 -19.47 -17.79
CA PRO A 214 -4.28 -19.82 -17.91
C PRO A 214 -4.92 -20.54 -16.72
N GLY A 215 -6.04 -19.98 -16.26
CA GLY A 215 -6.76 -20.55 -15.14
C GLY A 215 -6.39 -19.93 -13.81
N GLU A 216 -5.46 -19.00 -13.82
CA GLU A 216 -5.04 -18.38 -12.59
C GLU A 216 -5.58 -16.96 -12.37
N GLN A 217 -5.67 -16.60 -11.10
CA GLN A 217 -6.11 -15.27 -10.67
C GLN A 217 -5.15 -14.77 -9.61
N LEU A 218 -5.02 -13.46 -9.49
CA LEU A 218 -4.15 -12.92 -8.46
C LEU A 218 -4.72 -13.26 -7.08
N LEU A 219 -3.84 -13.44 -6.11
CA LEU A 219 -4.23 -13.69 -4.74
C LEU A 219 -3.91 -12.38 -3.99
N PHE A 220 -4.95 -11.70 -3.50
CA PHE A 220 -4.73 -10.44 -2.79
C PHE A 220 -4.70 -10.61 -1.26
N PHE A 221 -3.88 -9.80 -0.60
CA PHE A 221 -3.82 -9.81 0.85
C PHE A 221 -4.67 -8.60 1.21
N ARG A 222 -5.89 -8.89 1.68
CA ARG A 222 -6.88 -7.85 1.95
C ARG A 222 -7.13 -7.36 3.36
N SER A 223 -7.42 -6.07 3.45
CA SER A 223 -7.75 -5.40 4.69
C SER A 223 -8.96 -4.51 4.41
N THR A 224 -9.54 -3.96 5.47
CA THR A 224 -10.70 -3.08 5.36
C THR A 224 -10.28 -1.77 5.97
N MET A 225 -10.10 -0.76 5.12
CA MET A 225 -9.70 0.54 5.60
C MET A 225 -10.88 1.11 6.35
N PRO A 226 -10.63 1.78 7.49
CA PRO A 226 -11.76 2.35 8.24
C PRO A 226 -12.43 3.50 7.49
N GLY A 227 -13.76 3.49 7.51
CA GLY A 227 -14.54 4.53 6.85
C GLY A 227 -14.77 5.70 7.78
N CYS A 228 -14.56 6.91 7.27
CA CYS A 228 -14.74 8.12 8.08
C CYS A 228 -15.97 8.97 7.74
N SER A 229 -16.69 8.60 6.68
CA SER A 229 -17.90 9.33 6.23
C SER A 229 -18.40 8.73 4.93
N GLY A 230 -19.71 8.78 4.73
CA GLY A 230 -20.29 8.27 3.51
C GLY A 230 -20.32 6.77 3.39
N TYR A 231 -20.30 6.29 2.15
CA TYR A 231 -20.32 4.86 1.87
C TYR A 231 -19.12 4.57 0.99
N PRO A 232 -17.90 4.72 1.54
CA PRO A 232 -16.67 4.47 0.78
C PRO A 232 -16.38 3.00 0.54
N ASN A 233 -15.71 2.71 -0.56
CA ASN A 233 -15.31 1.34 -0.86
C ASN A 233 -14.08 1.18 0.02
N MET A 234 -14.23 0.38 1.09
CA MET A 234 -13.15 0.18 2.05
C MET A 234 -12.18 -1.00 1.81
N ASN A 235 -12.38 -1.72 0.71
CA ASN A 235 -11.52 -2.84 0.37
C ASN A 235 -10.13 -2.37 -0.10
N LEU A 236 -9.07 -2.89 0.51
CA LEU A 236 -7.71 -2.54 0.10
C LEU A 236 -6.87 -3.80 -0.05
N ASP A 237 -6.54 -4.12 -1.29
CA ASP A 237 -5.76 -5.31 -1.61
C ASP A 237 -4.29 -4.98 -1.91
N CYS A 238 -3.37 -5.67 -1.24
CA CYS A 238 -1.95 -5.47 -1.56
C CYS A 238 -1.44 -6.80 -2.15
N LEU A 239 -0.32 -6.74 -2.86
CA LEU A 239 0.23 -7.93 -3.51
C LEU A 239 1.16 -8.74 -2.62
N LEU A 240 1.66 -8.09 -1.56
CA LEU A 240 2.56 -8.72 -0.61
C LEU A 240 2.36 -8.10 0.76
N PRO A 241 2.35 -8.93 1.81
CA PRO A 241 2.18 -8.37 3.15
C PRO A 241 3.44 -7.54 3.41
N GLN A 242 3.32 -6.48 4.20
CA GLN A 242 4.47 -5.64 4.51
C GLN A 242 5.66 -6.42 5.09
N GLU A 243 5.41 -7.44 5.91
CA GLU A 243 6.53 -8.20 6.47
C GLU A 243 7.23 -9.10 5.45
N TRP A 244 6.58 -9.38 4.32
CA TRP A 244 7.24 -10.18 3.30
C TRP A 244 8.26 -9.26 2.66
N VAL A 245 7.88 -7.99 2.48
CA VAL A 245 8.77 -7.00 1.90
C VAL A 245 9.98 -6.86 2.81
N GLN A 246 9.72 -6.67 4.09
CA GLN A 246 10.78 -6.52 5.08
C GLN A 246 11.68 -7.76 5.09
N HIS A 247 11.08 -8.94 5.03
CA HIS A 247 11.80 -10.20 5.04
C HIS A 247 12.68 -10.42 3.81
N PHE A 248 12.11 -10.27 2.61
CA PHE A 248 12.87 -10.46 1.37
C PHE A 248 14.04 -9.48 1.37
N TYR A 249 13.80 -8.26 1.82
CA TYR A 249 14.84 -7.23 1.88
C TYR A 249 15.98 -7.63 2.79
N GLN A 250 15.65 -8.33 3.87
CA GLN A 250 16.66 -8.78 4.82
C GLN A 250 17.44 -9.95 4.25
N GLU A 251 16.70 -10.95 3.80
CA GLU A 251 17.25 -12.18 3.24
C GLU A 251 17.99 -12.00 1.94
N ALA A 252 17.40 -11.25 1.03
CA ALA A 252 17.98 -11.02 -0.30
C ALA A 252 18.40 -12.35 -0.91
N ALA A 253 17.52 -13.34 -0.82
CA ALA A 253 17.81 -14.65 -1.39
C ALA A 253 17.61 -14.61 -2.89
N PRO A 254 18.55 -15.19 -3.65
CA PRO A 254 18.49 -15.24 -5.11
C PRO A 254 17.36 -16.12 -5.58
N ALA A 255 16.69 -15.70 -6.64
CA ALA A 255 15.59 -16.49 -7.19
C ALA A 255 16.24 -17.51 -8.12
N GLN A 256 16.08 -18.79 -7.80
CA GLN A 256 16.65 -19.85 -8.62
C GLN A 256 15.71 -20.18 -9.77
N SER A 257 14.59 -19.46 -9.81
CA SER A 257 13.57 -19.64 -10.82
C SER A 257 12.74 -18.36 -10.81
N ASP A 258 11.73 -18.24 -11.67
CA ASP A 258 10.93 -17.03 -11.62
C ASP A 258 9.63 -17.23 -10.85
N VAL A 259 9.44 -18.43 -10.31
CA VAL A 259 8.25 -18.72 -9.53
C VAL A 259 8.52 -19.65 -8.34
N ALA A 260 8.19 -19.16 -7.16
CA ALA A 260 8.37 -19.92 -5.94
C ALA A 260 7.05 -20.55 -5.57
N LEU A 261 7.08 -21.86 -5.37
CA LEU A 261 5.89 -22.60 -5.01
C LEU A 261 5.69 -22.47 -3.51
N LEU A 262 4.50 -22.00 -3.12
CA LEU A 262 4.18 -21.84 -1.71
C LEU A 262 2.98 -22.71 -1.37
N ARG A 263 2.93 -23.17 -0.12
CA ARG A 263 1.82 -23.98 0.38
C ARG A 263 1.31 -23.30 1.64
N PHE A 264 0.00 -23.08 1.72
CA PHE A 264 -0.56 -22.47 2.91
C PHE A 264 -0.85 -23.63 3.82
N VAL A 265 -0.17 -23.72 4.96
CA VAL A 265 -0.34 -24.86 5.86
C VAL A 265 -0.97 -24.52 7.20
N ASN A 266 -1.65 -25.50 7.79
CA ASN A 266 -2.29 -25.34 9.09
C ASN A 266 -1.41 -25.98 10.15
N PRO A 267 -0.69 -25.15 10.94
CA PRO A 267 0.19 -25.66 11.98
C PRO A 267 -0.48 -26.57 13.02
N ASP A 268 -1.82 -26.55 13.05
CA ASP A 268 -2.53 -27.39 13.99
C ASP A 268 -2.64 -28.81 13.42
N THR A 269 -3.41 -28.93 12.33
CA THR A 269 -3.61 -30.23 11.68
C THR A 269 -2.37 -30.69 10.90
N GLY A 270 -1.40 -29.79 10.71
CA GLY A 270 -0.21 -30.15 9.97
C GLY A 270 -0.45 -30.36 8.49
N ARG A 271 -1.64 -30.04 8.02
CA ARG A 271 -2.00 -30.22 6.62
C ARG A 271 -2.03 -28.97 5.73
N VAL A 272 -1.78 -29.18 4.44
CA VAL A 272 -1.79 -28.11 3.45
C VAL A 272 -3.22 -27.82 2.98
N LEU A 273 -3.58 -26.53 2.97
CA LEU A 273 -4.90 -26.09 2.55
C LEU A 273 -4.90 -25.89 1.03
N PHE A 274 -3.96 -25.09 0.55
CA PHE A 274 -3.83 -24.84 -0.88
C PHE A 274 -2.40 -24.45 -1.18
N GLU A 275 -2.08 -24.31 -2.45
CA GLU A 275 -0.75 -23.94 -2.87
C GLU A 275 -0.87 -22.76 -3.82
N CYS A 276 0.17 -21.96 -3.93
CA CYS A 276 0.11 -20.81 -4.80
C CYS A 276 1.47 -20.43 -5.37
N LYS A 277 1.45 -19.56 -6.38
CA LYS A 277 2.68 -19.13 -7.01
C LYS A 277 3.12 -17.74 -6.57
N LEU A 278 4.34 -17.67 -6.04
CA LEU A 278 4.94 -16.41 -5.64
C LEU A 278 5.94 -16.05 -6.77
N HIS A 279 5.54 -15.13 -7.62
CA HIS A 279 6.36 -14.70 -8.75
C HIS A 279 7.54 -13.87 -8.25
N LYS A 280 8.73 -14.12 -8.81
CA LYS A 280 9.92 -13.41 -8.37
C LYS A 280 9.77 -11.91 -8.48
N SER A 281 8.90 -11.48 -9.39
CA SER A 281 8.62 -10.08 -9.61
C SER A 281 7.93 -9.50 -8.38
N GLY A 282 7.38 -10.38 -7.54
CA GLY A 282 6.71 -9.93 -6.34
C GLY A 282 5.18 -9.91 -6.31
N TYR A 283 4.55 -11.03 -6.64
CA TYR A 283 3.08 -11.10 -6.57
C TYR A 283 2.68 -12.55 -6.54
N VAL A 284 1.45 -12.83 -6.09
CA VAL A 284 0.98 -14.20 -5.94
C VAL A 284 -0.27 -14.56 -6.75
N THR A 285 -0.24 -15.74 -7.36
CA THR A 285 -1.40 -16.20 -8.13
C THR A 285 -1.81 -17.57 -7.64
N VAL A 286 -3.10 -17.87 -7.81
CA VAL A 286 -3.66 -19.17 -7.43
C VAL A 286 -4.48 -19.69 -8.60
N ALA A 287 -4.76 -20.98 -8.57
CA ALA A 287 -5.55 -21.61 -9.62
C ALA A 287 -7.02 -21.51 -9.24
N HIS A 288 -7.73 -20.53 -9.82
CA HIS A 288 -9.14 -20.35 -9.52
C HIS A 288 -9.82 -19.32 -10.43
N THR A 289 -11.13 -19.49 -10.63
CA THR A 289 -11.89 -18.56 -11.46
C THR A 289 -13.14 -18.08 -10.71
N GLY A 290 -13.26 -16.76 -10.58
CA GLY A 290 -14.39 -16.17 -9.87
C GLY A 290 -13.98 -15.48 -8.58
N PRO A 291 -14.85 -14.62 -8.03
CA PRO A 291 -14.60 -13.90 -6.77
C PRO A 291 -14.77 -14.84 -5.59
N HIS A 292 -13.78 -14.90 -4.73
CA HIS A 292 -13.84 -15.79 -3.60
C HIS A 292 -13.10 -15.30 -2.36
N ASP A 293 -13.81 -15.27 -1.25
CA ASP A 293 -13.22 -14.86 0.01
C ASP A 293 -12.68 -16.16 0.57
N LEU A 294 -11.36 -16.26 0.69
CA LEU A 294 -10.77 -17.48 1.21
C LEU A 294 -11.11 -17.76 2.67
N VAL A 295 -11.49 -19.00 2.96
CA VAL A 295 -11.79 -19.40 4.31
C VAL A 295 -10.54 -20.11 4.82
N ILE A 296 -9.87 -19.52 5.79
CA ILE A 296 -8.63 -20.08 6.31
C ILE A 296 -8.59 -20.21 7.82
N PRO A 297 -7.88 -21.23 8.32
CA PRO A 297 -7.75 -21.43 9.77
C PRO A 297 -6.85 -20.30 10.24
N PRO A 298 -7.27 -19.56 11.26
CA PRO A 298 -6.53 -18.43 11.82
C PRO A 298 -5.04 -18.64 12.09
N ASN A 299 -4.63 -19.88 12.26
CA ASN A 299 -3.23 -20.17 12.55
C ASN A 299 -2.40 -20.54 11.33
N GLY A 300 -3.03 -20.59 10.16
CA GLY A 300 -2.32 -20.95 8.95
C GLY A 300 -1.26 -19.95 8.53
N TYR A 301 -0.29 -20.41 7.74
CA TYR A 301 0.75 -19.51 7.26
C TYR A 301 1.32 -20.07 5.97
N PHE A 302 2.07 -19.24 5.25
CA PHE A 302 2.65 -19.67 3.99
C PHE A 302 4.02 -20.26 4.24
N ARG A 303 4.34 -21.28 3.46
CA ARG A 303 5.61 -22.00 3.56
C ARG A 303 6.22 -22.20 2.16
N PHE A 304 7.47 -21.79 2.00
CA PHE A 304 8.14 -21.97 0.71
C PHE A 304 8.57 -23.41 0.58
N ASP A 305 8.11 -24.07 -0.49
CA ASP A 305 8.45 -25.48 -0.73
C ASP A 305 9.54 -25.65 -1.78
N SER A 306 9.40 -24.98 -2.93
CA SER A 306 10.44 -25.08 -3.95
C SER A 306 10.19 -24.20 -5.16
N TRP A 307 11.26 -23.95 -5.91
CA TRP A 307 11.21 -23.16 -7.13
C TRP A 307 10.73 -24.06 -8.26
N VAL A 308 9.80 -23.57 -9.06
CA VAL A 308 9.25 -24.35 -10.17
C VAL A 308 9.36 -23.51 -11.44
N ASN A 309 9.10 -24.11 -12.59
CA ASN A 309 9.17 -23.37 -13.85
C ASN A 309 7.86 -22.59 -13.98
N GLN A 310 7.77 -21.71 -14.98
CA GLN A 310 6.55 -20.93 -15.16
C GLN A 310 5.43 -21.73 -15.81
N PHE A 311 5.72 -22.96 -16.20
CA PHE A 311 4.71 -23.82 -16.82
C PHE A 311 4.10 -24.80 -15.81
N TYR A 312 4.29 -24.52 -14.53
CA TYR A 312 3.76 -25.37 -13.47
C TYR A 312 2.28 -25.09 -13.28
N THR A 313 1.47 -26.14 -13.19
CA THR A 313 0.04 -25.99 -13.01
C THR A 313 -0.29 -26.28 -11.55
N LEU A 314 -0.85 -25.29 -10.86
CA LEU A 314 -1.20 -25.42 -9.45
C LEU A 314 -2.46 -26.23 -9.18
N ALA A 315 -2.47 -26.96 -8.07
CA ALA A 315 -3.64 -27.74 -7.70
C ALA A 315 -4.70 -26.69 -7.45
N PRO A 316 -5.90 -26.89 -8.03
CA PRO A 316 -6.97 -25.90 -7.83
C PRO A 316 -7.19 -25.52 -6.36
N MET A 317 -7.16 -24.23 -6.10
CA MET A 317 -7.36 -23.71 -4.75
C MET A 317 -8.70 -24.16 -4.22
N GLY A 318 -8.70 -24.63 -2.98
CA GLY A 318 -9.91 -25.12 -2.32
C GLY A 318 -11.23 -24.85 -3.03
#